data_4RKH
#
_entry.id   4RKH
#
_cell.length_a   49.371
_cell.length_b   50.998
_cell.length_c   124.934
_cell.angle_alpha   90.00
_cell.angle_beta   90.00
_cell.angle_gamma   90.00
#
_symmetry.space_group_name_H-M   'P 21 21 21'
#
loop_
_entity.id
_entity.type
_entity.pdbx_description
1 polymer 'E3 ubiquitin-protein ligase msl-2'
2 polymer "DNA (5'-D(*AP*TP*GP*AP*GP*CP*GP*AP*GP*AP*TP*GP*GP*AP*T)-3')"
3 polymer "DNA (5'-D(*AP*TP*CP*CP*AP*TP*CP*TP*CP*GP*CP*TP*CP*AP*T)-3')"
4 non-polymer 'ZINC ION'
5 water water
#
loop_
_entity_poly.entity_id
_entity_poly.type
_entity_poly.pdbx_seq_one_letter_code
_entity_poly.pdbx_strand_id
1 'polypeptide(L)' SPPKPKCRCGISGSSNTLTTCRNSRCPCYKSYNSCAGCHCVGCKNPHKEDYV C,D,E,F
2 'polydeoxyribonucleotide' (DA)(DT)(DG)(DA)(DG)(DC)(DG)(DA)(DG)(DA)(DT)(DG)(DG)(DA)(DT) A
3 'polydeoxyribonucleotide' (DA)(DT)(DC)(DC)(DA)(DT)(DC)(DT)(DC)(DG)(DC)(DT)(DC)(DA)(DT) B
#
# COMPACT_ATOMS: atom_id res chain seq x y z
N LYS A 4 6.27 19.32 -8.43
CA LYS A 4 5.09 18.91 -7.68
C LYS A 4 4.47 17.60 -8.20
N PRO A 5 4.04 16.74 -7.28
CA PRO A 5 3.45 15.45 -7.66
C PRO A 5 2.10 15.58 -8.36
N LYS A 6 1.69 14.51 -9.05
CA LYS A 6 0.36 14.40 -9.63
C LYS A 6 -0.30 13.17 -9.06
N CYS A 7 -1.22 13.36 -8.12
CA CYS A 7 -1.84 12.23 -7.42
C CYS A 7 -2.96 11.62 -8.26
N ARG A 8 -3.41 10.43 -7.85
CA ARG A 8 -4.48 9.74 -8.56
C ARG A 8 -5.55 9.29 -7.59
N CYS A 9 -5.77 10.10 -6.57
CA CYS A 9 -6.66 9.70 -5.50
C CYS A 9 -8.08 9.66 -6.02
N GLY A 10 -8.87 8.71 -5.55
CA GLY A 10 -10.29 8.68 -5.83
C GLY A 10 -10.71 7.89 -7.07
N ILE A 11 -9.74 7.57 -7.91
CA ILE A 11 -9.98 6.87 -9.17
C ILE A 11 -10.71 5.54 -8.94
N SER A 14 -11.32 3.87 -3.57
CA SER A 14 -12.17 2.70 -3.55
C SER A 14 -13.42 2.96 -2.70
N SER A 15 -13.32 3.93 -1.79
CA SER A 15 -14.36 4.21 -0.79
C SER A 15 -14.00 5.49 0.00
N ASN A 16 -14.97 6.04 0.74
CA ASN A 16 -14.76 7.24 1.57
C ASN A 16 -14.32 8.51 0.83
N THR A 17 -15.20 9.10 0.01
CA THR A 17 -14.80 10.26 -0.81
C THR A 17 -14.78 11.63 -0.10
N LEU A 18 -15.27 11.69 1.13
CA LEU A 18 -15.16 12.90 1.95
C LEU A 18 -13.70 13.36 2.15
N THR A 19 -12.78 12.40 2.09
CA THR A 19 -11.40 12.64 2.48
C THR A 19 -10.37 12.43 1.37
N THR A 20 -10.82 12.22 0.13
CA THR A 20 -9.83 12.07 -0.94
C THR A 20 -9.05 13.37 -1.12
N CYS A 21 -7.74 13.21 -1.16
CA CYS A 21 -6.80 14.32 -1.18
C CYS A 21 -6.96 15.22 0.04
N ARG A 22 -7.37 14.63 1.16
CA ARG A 22 -7.48 15.36 2.40
C ARG A 22 -7.09 14.42 3.53
N ASN A 23 -6.13 13.56 3.26
CA ASN A 23 -5.61 12.59 4.21
C ASN A 23 -4.14 12.32 3.90
N SER A 24 -3.43 11.69 4.84
CA SER A 24 -1.99 11.47 4.72
C SER A 24 -1.54 10.63 3.50
N ARG A 25 -2.47 9.97 2.83
CA ARG A 25 -2.06 9.16 1.68
C ARG A 25 -2.10 9.92 0.36
N CYS A 26 -2.50 11.19 0.41
CA CYS A 26 -2.40 12.02 -0.79
C CYS A 26 -1.11 12.84 -0.72
N PRO A 27 -0.20 12.59 -1.67
CA PRO A 27 1.13 13.23 -1.62
C PRO A 27 1.03 14.74 -1.70
N CYS A 28 -0.03 15.25 -2.30
CA CYS A 28 -0.23 16.69 -2.43
C CYS A 28 -0.67 17.29 -1.08
N TYR A 29 -1.76 16.78 -0.53
CA TYR A 29 -2.24 17.24 0.78
C TYR A 29 -1.17 17.14 1.86
N LYS A 30 -0.47 16.01 1.89
CA LYS A 30 0.55 15.70 2.90
C LYS A 30 1.64 16.77 2.89
N SER A 31 1.97 17.26 1.70
CA SER A 31 3.00 18.29 1.55
C SER A 31 2.45 19.73 1.42
N TYR A 32 1.18 19.93 1.75
CA TYR A 32 0.54 21.27 1.70
C TYR A 32 0.50 21.87 0.30
N ASN A 33 0.40 21.00 -0.70
CA ASN A 33 0.27 21.42 -2.08
C ASN A 33 -1.16 21.26 -2.58
N SER A 34 -1.51 22.04 -3.60
CA SER A 34 -2.83 21.94 -4.23
C SER A 34 -2.81 20.73 -5.14
N CYS A 35 -3.98 20.34 -5.66
CA CYS A 35 -4.04 19.29 -6.68
C CYS A 35 -4.17 19.83 -8.11
N ALA A 36 -3.74 21.07 -8.35
CA ALA A 36 -3.75 21.61 -9.71
C ALA A 36 -2.95 20.69 -10.62
N GLY A 37 -3.61 20.16 -11.65
CA GLY A 37 -2.94 19.30 -12.61
C GLY A 37 -2.98 17.82 -12.29
N CYS A 38 -3.57 17.48 -11.14
CA CYS A 38 -3.61 16.08 -10.75
C CYS A 38 -4.67 15.29 -11.52
N HIS A 39 -4.63 13.97 -11.36
CA HIS A 39 -5.56 13.08 -12.03
C HIS A 39 -6.61 12.63 -11.03
N CYS A 40 -6.56 13.22 -9.84
CA CYS A 40 -7.48 12.83 -8.79
C CYS A 40 -8.91 13.16 -9.19
N VAL A 41 -9.83 12.55 -8.47
CA VAL A 41 -11.23 12.65 -8.80
C VAL A 41 -11.97 12.75 -7.49
N GLY A 42 -12.99 13.60 -7.43
CA GLY A 42 -13.69 13.88 -6.19
C GLY A 42 -12.79 14.54 -5.14
N CYS A 43 -11.85 15.35 -5.61
CA CYS A 43 -10.83 15.96 -4.75
C CYS A 43 -11.41 16.90 -3.69
N LYS A 44 -11.01 16.68 -2.45
CA LYS A 44 -11.43 17.54 -1.35
C LYS A 44 -10.25 18.32 -0.75
N ASN A 45 -9.15 18.35 -1.49
CA ASN A 45 -7.97 19.11 -1.04
C ASN A 45 -8.25 20.62 -0.91
N PRO A 46 -8.14 21.15 0.31
CA PRO A 46 -8.44 22.58 0.53
C PRO A 46 -7.34 23.52 0.04
N HIS A 47 -6.13 23.02 -0.17
CA HIS A 47 -5.02 23.86 -0.62
C HIS A 47 -5.21 24.34 -2.06
N LYS A 48 -5.16 25.65 -2.25
CA LYS A 48 -5.34 26.24 -3.57
C LYS A 48 -4.02 26.78 -4.11
N GLU A 49 -3.77 26.52 -5.39
CA GLU A 49 -2.55 26.95 -6.06
C GLU A 49 -2.50 28.48 -6.17
N ASP A 50 -1.34 29.07 -5.92
CA ASP A 50 -1.22 30.53 -6.05
C ASP A 50 -1.34 30.99 -7.51
N TYR A 51 -1.46 32.30 -7.69
CA TYR A 51 -1.48 32.89 -9.03
C TYR A 51 -0.08 33.05 -9.60
N VAL A 52 0.10 32.60 -10.83
CA VAL A 52 1.35 32.83 -11.55
C VAL A 52 1.35 34.23 -12.15
N SER B 1 -15.99 -28.03 25.20
CA SER B 1 -15.97 -26.91 24.26
C SER B 1 -15.39 -25.66 24.91
N PRO B 2 -14.46 -24.99 24.21
CA PRO B 2 -13.81 -23.80 24.77
C PRO B 2 -14.84 -22.72 25.14
N PRO B 3 -14.52 -21.90 26.16
CA PRO B 3 -15.42 -20.80 26.53
C PRO B 3 -15.64 -19.86 25.34
N LYS B 4 -16.81 -19.23 25.27
CA LYS B 4 -17.12 -18.30 24.20
C LYS B 4 -16.19 -17.10 24.27
N PRO B 5 -15.32 -16.95 23.26
CA PRO B 5 -14.32 -15.88 23.23
C PRO B 5 -14.96 -14.48 23.23
N LYS B 6 -14.79 -13.73 24.32
CA LYS B 6 -15.34 -12.39 24.45
C LYS B 6 -14.49 -11.37 23.71
N CYS B 7 -15.13 -10.37 23.10
CA CYS B 7 -14.43 -9.32 22.35
C CYS B 7 -14.38 -8.01 23.13
N ARG B 8 -13.49 -7.11 22.72
CA ARG B 8 -13.34 -5.79 23.34
C ARG B 8 -13.39 -4.65 22.32
N CYS B 9 -14.13 -4.85 21.23
CA CYS B 9 -14.12 -3.89 20.13
C CYS B 9 -14.64 -2.52 20.55
N GLY B 10 -14.01 -1.46 20.05
CA GLY B 10 -14.50 -0.11 20.27
C GLY B 10 -14.14 0.55 21.59
N ILE B 11 -13.43 -0.17 22.45
CA ILE B 11 -13.03 0.35 23.76
C ILE B 11 -12.20 1.63 23.72
N SER B 12 -11.25 1.70 22.79
CA SER B 12 -10.37 2.87 22.70
C SER B 12 -11.16 4.14 22.39
N SER B 14 -10.05 6.07 19.76
CA SER B 14 -11.27 6.38 19.02
C SER B 14 -11.24 5.82 17.60
N SER B 15 -12.06 4.81 17.35
CA SER B 15 -12.17 4.20 16.02
C SER B 15 -13.55 4.48 15.40
N ASN B 16 -13.75 4.02 14.17
CA ASN B 16 -15.02 4.26 13.46
C ASN B 16 -16.20 3.49 14.06
N THR B 17 -16.98 4.19 14.88
CA THR B 17 -18.08 3.59 15.64
C THR B 17 -19.19 2.95 14.81
N LEU B 18 -19.20 3.18 13.51
CA LEU B 18 -20.28 2.68 12.66
C LEU B 18 -20.08 1.21 12.27
N THR B 19 -18.88 0.68 12.48
CA THR B 19 -18.58 -0.69 12.09
C THR B 19 -18.12 -1.58 13.25
N THR B 20 -18.16 -1.07 14.48
CA THR B 20 -17.74 -1.81 15.66
C THR B 20 -18.50 -3.14 15.76
N CYS B 21 -17.77 -4.26 15.82
CA CYS B 21 -18.37 -5.61 15.83
C CYS B 21 -19.24 -5.95 14.60
N ARG B 22 -19.02 -5.27 13.50
CA ARG B 22 -19.66 -5.70 12.25
C ARG B 22 -18.70 -5.74 11.07
N ASN B 23 -17.46 -6.14 11.34
CA ASN B 23 -16.48 -6.42 10.32
C ASN B 23 -15.65 -7.59 10.81
N SER B 24 -14.79 -8.11 9.93
CA SER B 24 -14.02 -9.34 10.20
C SER B 24 -13.02 -9.23 11.34
N ARG B 25 -12.74 -8.02 11.80
CA ARG B 25 -11.84 -7.91 12.94
C ARG B 25 -12.53 -8.29 14.27
N CYS B 26 -13.86 -8.33 14.28
CA CYS B 26 -14.59 -8.80 15.47
C CYS B 26 -14.73 -10.32 15.43
N PRO B 27 -14.15 -11.01 16.41
CA PRO B 27 -14.21 -12.47 16.41
C PRO B 27 -15.64 -13.02 16.54
N CYS B 28 -16.50 -12.27 17.25
CA CYS B 28 -17.90 -12.67 17.39
C CYS B 28 -18.63 -12.58 16.05
N TYR B 29 -18.54 -11.41 15.41
CA TYR B 29 -19.18 -11.20 14.11
C TYR B 29 -18.69 -12.24 13.11
N LYS B 30 -17.37 -12.45 13.11
CA LYS B 30 -16.74 -13.37 12.18
C LYS B 30 -17.21 -14.82 12.39
N SER B 31 -17.55 -15.18 13.61
CA SER B 31 -17.97 -16.55 13.87
C SER B 31 -19.49 -16.69 13.95
N TYR B 32 -20.20 -15.66 13.48
CA TYR B 32 -21.66 -15.60 13.50
C TYR B 32 -22.29 -15.63 14.91
N ASN B 33 -21.50 -15.25 15.91
CA ASN B 33 -22.00 -15.13 17.27
C ASN B 33 -22.48 -13.73 17.60
N SER B 34 -23.27 -13.63 18.67
CA SER B 34 -23.68 -12.33 19.20
C SER B 34 -22.62 -11.87 20.18
N CYS B 35 -22.70 -10.63 20.61
CA CYS B 35 -21.76 -10.16 21.64
C CYS B 35 -22.28 -10.32 23.07
N ALA B 36 -23.20 -11.25 23.28
CA ALA B 36 -23.64 -11.55 24.64
C ALA B 36 -22.42 -11.85 25.50
N GLY B 37 -22.31 -11.17 26.63
CA GLY B 37 -21.18 -11.35 27.53
C GLY B 37 -19.92 -10.58 27.18
N CYS B 38 -19.89 -9.95 26.02
CA CYS B 38 -18.71 -9.22 25.60
C CYS B 38 -18.55 -7.88 26.30
N HIS B 39 -17.40 -7.26 26.12
CA HIS B 39 -17.08 -5.98 26.75
C HIS B 39 -16.91 -4.89 25.71
N CYS B 40 -17.45 -5.15 24.52
CA CYS B 40 -17.38 -4.18 23.43
C CYS B 40 -18.19 -2.95 23.79
N VAL B 41 -17.88 -1.84 23.13
CA VAL B 41 -18.54 -0.57 23.37
C VAL B 41 -19.10 -0.04 22.05
N GLY B 42 -20.39 0.31 22.05
CA GLY B 42 -21.05 0.78 20.85
C GLY B 42 -21.22 -0.33 19.84
N CYS B 43 -21.49 -1.52 20.34
CA CYS B 43 -21.57 -2.73 19.52
C CYS B 43 -22.63 -2.62 18.42
N LYS B 44 -22.26 -2.95 17.20
CA LYS B 44 -23.17 -2.94 16.05
C LYS B 44 -23.31 -4.34 15.44
N ASN B 45 -23.06 -5.36 16.26
CA ASN B 45 -23.19 -6.74 15.84
C ASN B 45 -24.66 -7.06 15.63
N PRO B 46 -25.04 -7.47 14.41
CA PRO B 46 -26.44 -7.77 14.09
C PRO B 46 -26.85 -9.20 14.47
N HIS B 47 -25.87 -10.07 14.70
CA HIS B 47 -26.17 -11.48 14.98
C HIS B 47 -26.90 -11.69 16.31
N LYS B 48 -27.84 -12.62 16.31
CA LYS B 48 -28.66 -12.86 17.50
C LYS B 48 -28.51 -14.28 18.05
N GLU B 49 -27.76 -15.12 17.34
CA GLU B 49 -27.73 -16.57 17.63
C GLU B 49 -29.14 -17.15 17.69
N ASP B 50 -30.00 -16.66 16.79
CA ASP B 50 -31.36 -17.16 16.69
C ASP B 50 -31.37 -18.44 15.86
N TYR B 51 -30.87 -19.53 16.47
CA TYR B 51 -30.81 -20.83 15.81
C TYR B 51 -32.05 -21.60 16.18
N VAL B 52 -32.90 -21.77 15.19
CA VAL B 52 -34.30 -22.07 15.41
C VAL B 52 -34.71 -23.28 14.57
N SER C 1 9.28 21.52 4.20
CA SER C 1 9.51 20.08 4.17
C SER C 1 9.61 19.58 5.59
N PRO C 2 9.02 18.42 5.87
CA PRO C 2 8.99 17.90 7.22
C PRO C 2 10.28 17.15 7.50
N PRO C 3 10.50 16.73 8.77
CA PRO C 3 11.60 15.78 9.00
C PRO C 3 11.37 14.55 8.12
N LYS C 4 12.44 13.82 7.81
CA LYS C 4 12.31 12.69 6.89
C LYS C 4 11.33 11.65 7.43
N PRO C 5 10.58 11.02 6.54
CA PRO C 5 9.53 10.09 6.93
C PRO C 5 10.12 8.75 7.38
N LYS C 6 9.26 7.88 7.92
CA LYS C 6 9.68 6.54 8.28
C LYS C 6 8.82 5.54 7.52
N CYS C 7 9.46 4.51 6.99
CA CYS C 7 8.78 3.58 6.10
C CYS C 7 8.65 2.21 6.74
N ARG C 8 7.79 1.39 6.14
CA ARG C 8 7.61 0.01 6.54
C ARG C 8 7.66 -0.89 5.30
N CYS C 9 8.52 -0.54 4.34
CA CYS C 9 8.66 -1.35 3.13
C CYS C 9 9.09 -2.78 3.40
N GLY C 10 8.59 -3.71 2.61
CA GLY C 10 9.03 -5.10 2.67
C GLY C 10 8.39 -6.02 3.69
N ILE C 11 7.33 -5.58 4.35
CA ILE C 11 6.69 -6.41 5.38
C ILE C 11 5.78 -7.47 4.76
N SER C 12 5.24 -7.20 3.59
CA SER C 12 4.39 -8.18 2.92
C SER C 12 5.22 -9.36 2.44
N GLY C 13 4.56 -10.42 2.00
CA GLY C 13 5.28 -11.60 1.55
C GLY C 13 5.73 -11.58 0.11
N SER C 14 5.96 -10.38 -0.44
CA SER C 14 6.26 -10.27 -1.86
C SER C 14 7.63 -10.83 -2.21
N SER C 15 7.74 -11.50 -3.35
CA SER C 15 9.04 -11.94 -3.84
C SER C 15 9.76 -10.84 -4.62
N ASN C 16 9.06 -9.74 -4.91
CA ASN C 16 9.66 -8.57 -5.56
C ASN C 16 10.43 -7.72 -4.55
N THR C 17 11.70 -8.04 -4.40
CA THR C 17 12.45 -7.61 -3.23
C THR C 17 13.76 -6.94 -3.65
N LEU C 18 14.03 -6.97 -4.96
CA LEU C 18 15.22 -6.36 -5.56
C LEU C 18 15.32 -4.87 -5.24
N THR C 19 14.20 -4.16 -5.21
CA THR C 19 14.22 -2.72 -4.98
C THR C 19 13.47 -2.25 -3.73
N THR C 20 13.43 -3.08 -2.68
CA THR C 20 12.81 -2.67 -1.42
C THR C 20 13.54 -1.43 -0.92
N CYS C 21 12.78 -0.37 -0.66
CA CYS C 21 13.37 0.93 -0.30
C CYS C 21 14.32 1.49 -1.35
N ARG C 22 14.11 1.12 -2.60
CA ARG C 22 14.93 1.64 -3.67
C ARG C 22 14.05 1.85 -4.89
N ASN C 23 12.84 2.34 -4.65
CA ASN C 23 11.91 2.70 -5.70
C ASN C 23 11.03 3.83 -5.22
N SER C 24 10.25 4.40 -6.13
CA SER C 24 9.50 5.62 -5.85
C SER C 24 8.44 5.48 -4.73
N ARG C 25 8.02 4.26 -4.41
CA ARG C 25 7.02 4.08 -3.36
C ARG C 25 7.59 4.09 -1.93
N CYS C 26 8.91 4.02 -1.80
CA CYS C 26 9.56 4.27 -0.51
C CYS C 26 9.73 5.77 -0.33
N PRO C 27 9.12 6.34 0.73
CA PRO C 27 9.18 7.79 0.94
C PRO C 27 10.59 8.24 1.29
N CYS C 28 11.39 7.33 1.83
CA CYS C 28 12.78 7.64 2.17
C CYS C 28 13.66 7.77 0.93
N TYR C 29 13.63 6.73 0.10
CA TYR C 29 14.37 6.72 -1.15
C TYR C 29 13.91 7.87 -2.05
N LYS C 30 12.61 8.06 -2.12
CA LYS C 30 12.03 9.09 -2.98
C LYS C 30 12.51 10.48 -2.59
N SER C 31 12.72 10.70 -1.29
CA SER C 31 13.18 11.99 -0.78
C SER C 31 14.68 12.07 -0.57
N TYR C 32 15.43 11.15 -1.18
CA TYR C 32 16.90 11.13 -1.10
C TYR C 32 17.43 10.96 0.33
N ASN C 33 16.65 10.25 1.14
CA ASN C 33 17.00 9.99 2.54
C ASN C 33 17.32 8.52 2.82
N SER C 34 18.07 8.28 3.89
CA SER C 34 18.34 6.95 4.39
C SER C 34 17.10 6.41 5.08
N CYS C 35 17.16 5.15 5.47
CA CYS C 35 16.06 4.57 6.24
C CYS C 35 16.30 4.64 7.76
N ALA C 36 16.90 5.74 8.20
CA ALA C 36 17.06 6.01 9.61
C ALA C 36 15.73 5.96 10.34
N GLY C 37 15.65 5.12 11.37
CA GLY C 37 14.44 5.00 12.17
C GLY C 37 13.30 4.15 11.61
N CYS C 38 13.46 3.60 10.40
CA CYS C 38 12.37 2.85 9.77
C CYS C 38 12.24 1.43 10.30
N HIS C 39 11.15 0.80 9.92
CA HIS C 39 10.86 -0.60 10.28
C HIS C 39 10.68 -1.42 9.01
N CYS C 40 11.47 -1.11 7.99
CA CYS C 40 11.44 -1.85 6.73
C CYS C 40 12.16 -3.20 6.88
N VAL C 41 11.90 -4.13 5.96
CA VAL C 41 12.54 -5.44 5.99
C VAL C 41 13.27 -5.69 4.67
N GLY C 42 14.52 -6.17 4.75
CA GLY C 42 15.28 -6.43 3.55
C GLY C 42 15.57 -5.15 2.79
N CYS C 43 15.77 -4.08 3.55
CA CYS C 43 16.00 -2.74 2.99
C CYS C 43 17.18 -2.72 2.01
N LYS C 44 16.93 -2.21 0.80
CA LYS C 44 18.00 -2.03 -0.19
C LYS C 44 18.30 -0.53 -0.46
N ASN C 45 17.89 0.34 0.46
CA ASN C 45 18.14 1.77 0.28
C ASN C 45 19.65 2.04 0.21
N PRO C 46 20.12 2.61 -0.91
CA PRO C 46 21.56 2.88 -1.04
C PRO C 46 22.01 4.14 -0.29
N HIS C 47 21.07 4.95 0.19
CA HIS C 47 21.44 6.16 0.93
C HIS C 47 21.94 5.83 2.33
N LYS C 48 23.22 6.09 2.59
CA LYS C 48 23.77 5.85 3.91
C LYS C 48 23.51 7.03 4.87
N GLU C 49 23.21 8.20 4.31
CA GLU C 49 23.01 9.41 5.10
C GLU C 49 21.83 10.21 4.57
N ASP C 50 21.27 11.09 5.41
CA ASP C 50 20.08 11.85 5.06
C ASP C 50 20.33 13.09 4.19
N TYR C 51 19.22 13.58 3.63
CA TYR C 51 19.02 14.95 3.08
C TYR C 51 18.78 15.06 1.56
N LYS D 4 7.97 -19.58 -23.80
CA LYS D 4 6.82 -19.34 -24.66
C LYS D 4 6.23 -17.92 -24.66
N PRO D 5 6.13 -17.26 -23.47
CA PRO D 5 5.58 -15.89 -23.56
C PRO D 5 6.54 -14.97 -24.29
N LYS D 6 6.01 -13.93 -24.94
CA LYS D 6 6.84 -12.86 -25.48
C LYS D 6 6.44 -11.56 -24.81
N CYS D 7 7.32 -11.05 -23.94
CA CYS D 7 6.98 -9.92 -23.08
C CYS D 7 7.28 -8.59 -23.74
N ARG D 8 6.66 -7.53 -23.22
CA ARG D 8 6.82 -6.19 -23.74
C ARG D 8 7.36 -5.21 -22.70
N CYS D 9 8.08 -5.74 -21.72
CA CYS D 9 8.56 -4.94 -20.59
C CYS D 9 9.53 -3.87 -21.03
N GLY D 10 9.47 -2.71 -20.39
CA GLY D 10 10.38 -1.62 -20.70
C GLY D 10 10.01 -0.78 -21.90
N ILE D 11 8.98 -1.20 -22.64
CA ILE D 11 8.56 -0.48 -23.84
C ILE D 11 7.90 0.86 -23.51
N SER D 12 7.04 0.89 -22.50
CA SER D 12 6.38 2.14 -22.12
C SER D 12 7.17 2.91 -21.06
N SER D 15 10.47 5.79 -13.37
CA SER D 15 10.49 4.41 -13.86
C SER D 15 11.62 3.60 -13.20
N ASN D 16 11.32 2.35 -12.85
CA ASN D 16 12.29 1.47 -12.20
C ASN D 16 13.04 0.60 -13.21
N THR D 17 14.18 1.09 -13.67
CA THR D 17 14.94 0.38 -14.69
C THR D 17 15.67 -0.85 -14.16
N LEU D 18 15.82 -0.98 -12.84
CA LEU D 18 16.46 -2.14 -12.25
C LEU D 18 15.62 -3.41 -12.31
N THR D 19 14.30 -3.26 -12.33
CA THR D 19 13.42 -4.43 -12.28
C THR D 19 12.82 -4.95 -13.60
N THR D 20 13.19 -4.32 -14.73
CA THR D 20 12.67 -4.73 -16.06
C THR D 20 12.97 -6.20 -16.38
N CYS D 21 11.91 -7.01 -16.53
CA CYS D 21 12.01 -8.47 -16.71
C CYS D 21 12.71 -9.15 -15.51
N ARG D 22 12.52 -8.54 -14.33
CA ARG D 22 13.11 -9.04 -13.09
C ARG D 22 12.17 -8.76 -11.92
N ASN D 23 10.89 -8.98 -12.14
CA ASN D 23 9.86 -8.86 -11.13
C ASN D 23 8.66 -9.65 -11.62
N SER D 24 7.72 -9.91 -10.72
CA SER D 24 6.56 -10.77 -10.98
C SER D 24 5.66 -10.34 -12.16
N ARG D 25 5.73 -9.07 -12.56
CA ARG D 25 4.91 -8.62 -13.68
C ARG D 25 5.48 -8.98 -15.06
N CYS D 26 6.72 -9.48 -15.13
CA CYS D 26 7.22 -9.97 -16.41
C CYS D 26 6.86 -11.44 -16.53
N PRO D 27 6.09 -11.81 -17.58
CA PRO D 27 5.59 -13.19 -17.69
C PRO D 27 6.72 -14.19 -17.85
N CYS D 28 7.87 -13.75 -18.34
CA CYS D 28 9.02 -14.62 -18.55
C CYS D 28 9.76 -14.89 -17.23
N TYR D 29 10.08 -13.84 -16.50
CA TYR D 29 10.69 -13.96 -15.16
C TYR D 29 9.80 -14.80 -14.26
N LYS D 30 8.51 -14.51 -14.26
CA LYS D 30 7.54 -15.16 -13.39
C LYS D 30 7.51 -16.67 -13.66
N SER D 31 7.70 -17.03 -14.92
CA SER D 31 7.59 -18.43 -15.32
C SER D 31 8.96 -19.12 -15.44
N TYR D 32 9.98 -18.49 -14.86
CA TYR D 32 11.35 -19.03 -14.90
C TYR D 32 11.86 -19.24 -16.34
N ASN D 33 11.60 -18.26 -17.21
CA ASN D 33 12.02 -18.36 -18.60
C ASN D 33 12.96 -17.23 -18.97
N SER D 34 13.70 -17.40 -20.06
CA SER D 34 14.54 -16.33 -20.57
C SER D 34 13.66 -15.38 -21.38
N CYS D 35 14.25 -14.30 -21.88
CA CYS D 35 13.54 -13.39 -22.78
C CYS D 35 13.91 -13.57 -24.24
N ALA D 36 14.35 -14.78 -24.58
CA ALA D 36 14.56 -15.15 -25.97
C ALA D 36 13.28 -14.91 -26.79
N GLY D 37 13.39 -14.04 -27.79
CA GLY D 37 12.27 -13.74 -28.68
C GLY D 37 11.31 -12.66 -28.20
N CYS D 38 11.61 -12.04 -27.06
CA CYS D 38 10.74 -11.02 -26.48
C CYS D 38 10.96 -9.64 -27.10
N HIS D 39 10.03 -8.74 -26.82
CA HIS D 39 10.09 -7.37 -27.34
C HIS D 39 10.50 -6.39 -26.27
N CYS D 40 11.10 -6.91 -25.19
CA CYS D 40 11.49 -6.07 -24.05
C CYS D 40 12.61 -5.09 -24.40
N VAL D 41 12.65 -3.98 -23.66
CA VAL D 41 13.66 -2.94 -23.81
C VAL D 41 14.36 -2.74 -22.48
N GLY D 42 15.70 -2.85 -22.46
CA GLY D 42 16.46 -2.72 -21.23
C GLY D 42 16.23 -3.88 -20.29
N CYS D 43 16.12 -5.07 -20.89
CA CYS D 43 15.87 -6.32 -20.19
C CYS D 43 16.90 -6.63 -19.09
N LYS D 44 16.45 -6.91 -17.87
CA LYS D 44 17.37 -7.31 -16.82
C LYS D 44 17.16 -8.74 -16.36
N ASN D 45 16.47 -9.53 -17.18
CA ASN D 45 16.21 -10.93 -16.85
C ASN D 45 17.52 -11.66 -16.59
N PRO D 46 17.71 -12.17 -15.36
CA PRO D 46 18.96 -12.85 -14.97
C PRO D 46 19.09 -14.24 -15.62
N HIS D 47 17.99 -14.78 -16.12
CA HIS D 47 17.98 -16.10 -16.75
C HIS D 47 18.37 -15.91 -18.22
N LYS D 48 19.59 -16.29 -18.56
CA LYS D 48 20.09 -16.08 -19.93
C LYS D 48 19.43 -17.04 -20.93
N GLU D 49 19.35 -16.60 -22.19
CA GLU D 49 18.96 -17.49 -23.27
C GLU D 49 19.94 -18.66 -23.30
N ASP D 50 19.43 -19.87 -23.48
CA ASP D 50 20.31 -21.04 -23.43
C ASP D 50 21.25 -21.07 -24.66
N TYR D 51 22.53 -21.34 -24.41
CA TYR D 51 23.56 -21.25 -25.45
C TYR D 51 23.33 -22.22 -26.60
#